data_7M3Q
#
_entry.id   7M3Q
#
_cell.length_a   201.530
_cell.length_b   72.068
_cell.length_c   48.813
_cell.angle_alpha   90.000
_cell.angle_beta   94.607
_cell.angle_gamma   90.000
#
_symmetry.space_group_name_H-M   'C 1 2 1'
#
loop_
_entity.id
_entity.type
_entity.pdbx_description
1 polymer 'E3 ubiquitin-protein ligase SMURF2'
2 polymer 'Ubiquitin variant'
3 non-polymer 'SULFATE ION'
4 non-polymer 'SODIUM ION'
5 non-polymer 'CHLORIDE ION'
6 non-polymer 2,3-DIHYDROXY-1,4-DITHIOBUTANE
7 non-polymer 1,2-ETHANEDIOL
8 water water
#
loop_
_entity_poly.entity_id
_entity_poly.type
_entity_poly.pdbx_seq_one_letter_code
_entity_poly.pdbx_strand_id
1 'polypeptide(L)'
;GAMAPRYKRDLVQKLKILRQELSQQQPQAGHCRIEVSREEIFEESYRQVMKMRPKDLWKRLMIKFRGEEGLDYGGVAREW
LYLLSHEMLNPYYGLFQYSRDDIYTLQINPDSAVNPEHLSYFHFVGRIMGMAVFHGHYIDGGFTLPFYKQLLGKSITLDD
MELVDPDLHNSLVWILENDITGVLDHTFCVEHNAYGEIIQHELKPNGKSIPVNEENKKEYVRLYVNWRFLRGIEAQFLAL
QKGFNEVIPQHLLKTFDEKELELIICGLGKIDVNDWKVNTRLKHCTPDSNIVKWFWKAVEFFDEERRARLLQFVTGSSRV
PLQGFKALQGAAGPRLFTIHQIDACTNNLPKAHTCFNRIDIPPYESYEKLYEKLLTAIEETCGFAVE
;
A
2 'polypeptide(L)'
;MAHHHHHHVTSLYKKAGDYKDDDKMLIFVWTFKGNTITLEVEPSDTIENVKAKIQDKEGIPPDQQRLIFARKQLEDGRTL
SDYNILKESTLLLVRRLR
;
B
#
# COMPACT_ATOMS: atom_id res chain seq x y z
N LYS A 8 -8.63 -2.66 -21.01
CA LYS A 8 -8.85 -4.05 -20.65
C LYS A 8 -8.08 -4.97 -21.59
N ARG A 9 -8.33 -4.82 -22.89
CA ARG A 9 -7.58 -5.62 -23.86
C ARG A 9 -6.09 -5.27 -23.80
N ASP A 10 -5.76 -3.98 -23.79
CA ASP A 10 -4.37 -3.59 -23.80
C ASP A 10 -3.61 -4.26 -22.66
N LEU A 11 -4.26 -4.43 -21.50
CA LEU A 11 -3.59 -5.16 -20.43
C LEU A 11 -3.38 -6.63 -20.78
N VAL A 12 -4.34 -7.23 -21.49
CA VAL A 12 -4.19 -8.63 -21.89
C VAL A 12 -3.00 -8.81 -22.82
N GLN A 13 -2.77 -7.86 -23.72
CA GLN A 13 -1.59 -7.91 -24.59
C GLN A 13 -0.31 -7.61 -23.81
N LYS A 14 -0.32 -6.60 -22.94
CA LYS A 14 0.88 -6.32 -22.15
C LYS A 14 1.29 -7.53 -21.31
N LEU A 15 0.32 -8.30 -20.81
CA LEU A 15 0.67 -9.45 -20.00
C LEU A 15 1.21 -10.60 -20.84
N LYS A 16 0.68 -10.80 -22.06
CA LYS A 16 1.26 -11.80 -22.94
C LYS A 16 2.70 -11.47 -23.28
N ILE A 17 2.98 -10.18 -23.54
CA ILE A 17 4.33 -9.78 -23.89
C ILE A 17 5.27 -9.99 -22.71
N LEU A 18 4.84 -9.61 -21.51
CA LEU A 18 5.64 -9.85 -20.32
C LEU A 18 5.94 -11.33 -20.14
N ARG A 19 4.92 -12.18 -20.31
CA ARG A 19 5.11 -13.62 -20.12
C ARG A 19 6.12 -14.15 -21.13
N GLN A 20 6.06 -13.69 -22.37
N GLN A 20 6.00 -13.72 -22.39
CA GLN A 20 7.02 -14.16 -23.36
CA GLN A 20 6.97 -14.05 -23.42
C GLN A 20 8.44 -13.76 -22.98
C GLN A 20 8.39 -13.76 -22.94
N GLU A 21 8.63 -12.51 -22.56
CA GLU A 21 9.98 -12.07 -22.22
C GLU A 21 10.49 -12.71 -20.93
N LEU A 22 9.64 -12.82 -19.90
CA LEU A 22 10.03 -13.60 -18.73
C LEU A 22 10.46 -15.01 -19.14
N SER A 23 9.87 -15.53 -20.21
CA SER A 23 10.10 -16.92 -20.58
C SER A 23 11.51 -17.12 -21.12
N GLN A 24 11.92 -16.25 -22.03
CA GLN A 24 13.29 -16.24 -22.48
C GLN A 24 14.32 -15.85 -21.44
N GLN A 25 13.94 -15.09 -20.41
CA GLN A 25 14.89 -14.85 -19.34
C GLN A 25 15.12 -16.10 -18.50
N GLN A 26 14.14 -17.00 -18.42
CA GLN A 26 14.31 -18.22 -17.66
C GLN A 26 15.31 -19.15 -18.33
N PRO A 27 16.32 -19.63 -17.60
CA PRO A 27 17.22 -20.65 -18.16
C PRO A 27 16.47 -21.93 -18.46
N GLN A 28 16.88 -22.62 -19.52
CA GLN A 28 16.30 -23.93 -19.82
C GLN A 28 16.70 -24.97 -18.78
N ALA A 29 17.95 -24.95 -18.33
CA ALA A 29 18.48 -25.92 -17.39
C ALA A 29 18.48 -25.35 -15.97
N GLY A 30 18.37 -26.26 -14.99
CA GLY A 30 18.55 -25.89 -13.59
C GLY A 30 17.25 -25.58 -12.84
N HIS A 31 17.38 -25.44 -11.53
CA HIS A 31 16.21 -25.16 -10.72
C HIS A 31 16.57 -24.23 -9.59
N CYS A 32 15.55 -23.55 -9.10
CA CYS A 32 15.63 -22.74 -7.90
C CYS A 32 15.08 -23.60 -6.75
N ARG A 33 15.98 -24.05 -5.87
CA ARG A 33 15.63 -25.05 -4.86
C ARG A 33 15.50 -24.40 -3.49
N ILE A 34 14.34 -24.56 -2.88
CA ILE A 34 14.09 -24.04 -1.54
C ILE A 34 13.49 -25.18 -0.71
N GLU A 35 14.04 -25.39 0.51
CA GLU A 35 13.54 -26.38 1.48
C GLU A 35 13.48 -25.72 2.86
N VAL A 36 12.27 -25.38 3.31
CA VAL A 36 12.08 -24.58 4.51
C VAL A 36 11.12 -25.29 5.42
N SER A 37 11.35 -25.15 6.72
CA SER A 37 10.33 -25.57 7.67
C SER A 37 9.16 -24.57 7.65
N ARG A 38 7.98 -25.08 7.98
CA ARG A 38 6.80 -24.23 7.99
C ARG A 38 6.83 -23.24 9.15
N GLU A 39 7.33 -23.66 10.32
CA GLU A 39 7.42 -22.78 11.48
C GLU A 39 8.48 -21.69 11.35
N GLU A 40 9.40 -21.80 10.39
CA GLU A 40 10.47 -20.82 10.25
C GLU A 40 10.56 -20.33 8.81
N ILE A 41 9.43 -20.34 8.10
CA ILE A 41 9.42 -20.01 6.68
C ILE A 41 10.18 -18.70 6.41
N PHE A 42 9.93 -17.66 7.21
CA PHE A 42 10.57 -16.37 6.99
C PHE A 42 12.10 -16.50 7.04
N GLU A 43 12.64 -16.82 8.20
CA GLU A 43 14.09 -16.72 8.38
C GLU A 43 14.84 -17.72 7.50
N GLU A 44 14.29 -18.91 7.28
CA GLU A 44 14.98 -19.88 6.44
C GLU A 44 14.88 -19.52 4.97
N SER A 45 13.73 -19.01 4.52
CA SER A 45 13.64 -18.52 3.15
C SER A 45 14.61 -17.38 2.91
N TYR A 46 14.82 -16.54 3.93
CA TYR A 46 15.72 -15.41 3.81
C TYR A 46 17.16 -15.86 3.66
N ARG A 47 17.58 -16.84 4.45
CA ARG A 47 18.96 -17.31 4.34
C ARG A 47 19.19 -18.02 3.01
N GLN A 48 18.24 -18.82 2.57
CA GLN A 48 18.45 -19.54 1.33
C GLN A 48 18.35 -18.62 0.13
N VAL A 49 17.39 -17.69 0.12
CA VAL A 49 17.28 -16.85 -1.08
C VAL A 49 18.46 -15.90 -1.20
N MET A 50 18.95 -15.40 -0.07
CA MET A 50 20.02 -14.41 -0.14
C MET A 50 21.36 -15.06 -0.45
N LYS A 51 21.46 -16.40 -0.34
CA LYS A 51 22.66 -17.07 -0.82
C LYS A 51 22.71 -17.09 -2.35
N MET A 52 21.58 -16.89 -2.99
CA MET A 52 21.40 -17.12 -4.39
C MET A 52 21.75 -15.89 -5.23
N ARG A 53 22.24 -16.13 -6.45
CA ARG A 53 22.46 -15.09 -7.43
C ARG A 53 21.14 -14.71 -8.10
N PRO A 54 21.04 -13.48 -8.62
CA PRO A 54 19.83 -13.10 -9.40
C PRO A 54 19.42 -14.15 -10.41
N LYS A 55 20.37 -14.56 -11.25
CA LYS A 55 20.17 -15.59 -12.27
C LYS A 55 19.57 -16.89 -11.68
N ASP A 56 19.94 -17.27 -10.45
CA ASP A 56 19.35 -18.45 -9.85
C ASP A 56 17.85 -18.27 -9.61
N LEU A 57 17.40 -17.04 -9.34
CA LEU A 57 15.99 -16.75 -9.06
C LEU A 57 15.10 -16.88 -10.30
N TRP A 58 15.68 -16.92 -11.50
CA TRP A 58 14.86 -17.14 -12.68
C TRP A 58 14.63 -18.62 -12.97
N LYS A 59 15.34 -19.52 -12.30
CA LYS A 59 15.20 -20.94 -12.62
C LYS A 59 13.82 -21.45 -12.19
N ARG A 60 13.40 -22.57 -12.79
CA ARG A 60 12.17 -23.24 -12.37
C ARG A 60 12.15 -23.46 -10.86
N LEU A 61 11.06 -23.04 -10.23
CA LEU A 61 10.93 -23.15 -8.78
C LEU A 61 10.75 -24.62 -8.39
N MET A 62 11.45 -25.02 -7.32
CA MET A 62 11.37 -26.38 -6.81
C MET A 62 11.43 -26.27 -5.28
N ILE A 63 10.26 -26.14 -4.66
CA ILE A 63 10.11 -25.84 -3.24
C ILE A 63 9.56 -27.06 -2.53
N LYS A 64 10.10 -27.33 -1.33
CA LYS A 64 9.63 -28.37 -0.43
C LYS A 64 9.50 -27.82 0.99
N PHE A 65 8.45 -28.24 1.68
CA PHE A 65 8.36 -27.97 3.10
C PHE A 65 9.06 -29.10 3.84
N ARG A 66 9.88 -28.75 4.83
CA ARG A 66 10.57 -29.78 5.59
C ARG A 66 9.59 -30.82 6.10
N GLY A 67 9.97 -32.09 5.98
CA GLY A 67 9.11 -33.17 6.43
C GLY A 67 7.83 -33.36 5.65
N GLU A 68 7.61 -32.66 4.55
CA GLU A 68 6.37 -32.81 3.81
C GLU A 68 6.67 -33.15 2.36
N GLU A 69 5.96 -34.15 1.83
CA GLU A 69 5.92 -34.36 0.39
C GLU A 69 4.73 -33.55 -0.14
N GLY A 70 4.98 -32.69 -1.10
CA GLY A 70 3.88 -31.93 -1.66
C GLY A 70 3.06 -32.74 -2.65
N LEU A 71 1.84 -32.27 -2.91
CA LEU A 71 1.04 -32.84 -3.99
C LEU A 71 1.63 -32.52 -5.36
N ASP A 72 2.33 -31.40 -5.47
CA ASP A 72 2.58 -30.75 -6.75
C ASP A 72 3.58 -29.64 -6.49
N TYR A 73 4.67 -29.57 -7.27
CA TYR A 73 5.66 -28.54 -7.04
C TYR A 73 5.09 -27.14 -7.27
N GLY A 74 4.29 -26.96 -8.32
CA GLY A 74 3.65 -25.66 -8.53
C GLY A 74 2.78 -25.28 -7.34
N GLY A 75 2.06 -26.24 -6.78
CA GLY A 75 1.22 -25.93 -5.64
C GLY A 75 2.02 -25.50 -4.44
N VAL A 76 3.06 -26.28 -4.07
CA VAL A 76 3.87 -25.93 -2.91
C VAL A 76 4.47 -24.54 -3.08
N ALA A 77 4.96 -24.25 -4.29
CA ALA A 77 5.46 -22.93 -4.61
C ALA A 77 4.42 -21.86 -4.34
N ARG A 78 3.19 -22.07 -4.84
CA ARG A 78 2.10 -21.13 -4.59
CA ARG A 78 2.15 -21.07 -4.60
C ARG A 78 1.90 -20.89 -3.10
N GLU A 79 1.89 -21.98 -2.33
CA GLU A 79 1.69 -21.89 -0.90
C GLU A 79 2.86 -21.18 -0.23
N TRP A 80 4.08 -21.51 -0.67
CA TRP A 80 5.26 -20.95 -0.05
C TRP A 80 5.29 -19.43 -0.17
N LEU A 81 4.99 -18.90 -1.36
CA LEU A 81 4.99 -17.45 -1.52
C LEU A 81 3.88 -16.82 -0.69
N TYR A 82 2.71 -17.45 -0.66
CA TYR A 82 1.63 -16.86 0.13
C TYR A 82 1.98 -16.83 1.62
N LEU A 83 2.38 -17.99 2.19
CA LEU A 83 2.81 -18.03 3.58
C LEU A 83 4.01 -17.12 3.84
N LEU A 84 5.00 -17.15 2.95
CA LEU A 84 6.20 -16.33 3.14
C LEU A 84 5.85 -14.84 3.12
N SER A 85 5.17 -14.41 2.07
CA SER A 85 4.86 -12.99 1.97
C SER A 85 3.98 -12.56 3.13
N HIS A 86 3.22 -13.46 3.72
CA HIS A 86 2.43 -13.07 4.87
C HIS A 86 3.30 -12.83 6.09
N GLU A 87 4.43 -13.54 6.20
CA GLU A 87 5.36 -13.28 7.30
C GLU A 87 6.15 -11.99 7.06
N MET A 88 6.83 -11.87 5.91
CA MET A 88 7.76 -10.78 5.67
C MET A 88 7.07 -9.42 5.68
N LEU A 89 5.76 -9.37 5.43
CA LEU A 89 5.02 -8.13 5.40
C LEU A 89 4.33 -7.82 6.73
N ASN A 90 4.20 -8.81 7.58
CA ASN A 90 3.58 -8.61 8.86
C ASN A 90 4.33 -7.52 9.63
N PRO A 91 3.65 -6.45 10.06
CA PRO A 91 4.34 -5.38 10.79
C PRO A 91 5.06 -5.87 12.02
N TYR A 92 4.76 -7.09 12.47
CA TYR A 92 5.42 -7.68 13.63
C TYR A 92 6.94 -7.70 13.48
N TYR A 93 7.45 -8.00 12.30
CA TYR A 93 8.90 -8.06 12.06
C TYR A 93 9.55 -6.72 11.76
N GLY A 94 8.79 -5.62 11.79
CA GLY A 94 9.38 -4.28 11.80
C GLY A 94 9.63 -3.64 10.43
N LEU A 95 9.52 -4.39 9.33
CA LEU A 95 9.84 -3.86 8.00
C LEU A 95 8.70 -3.03 7.43
N PHE A 96 7.46 -3.40 7.73
CA PHE A 96 6.30 -2.72 7.17
C PHE A 96 5.35 -2.33 8.29
N GLN A 97 4.41 -1.44 7.96
CA GLN A 97 3.36 -1.09 8.88
C GLN A 97 2.08 -0.86 8.11
N TYR A 98 0.97 -0.90 8.83
CA TYR A 98 -0.31 -0.52 8.27
C TYR A 98 -0.34 0.97 8.02
N SER A 99 -0.84 1.34 6.84
CA SER A 99 -1.12 2.74 6.55
C SER A 99 -2.20 3.26 7.49
N ARG A 100 -2.17 4.57 7.73
CA ARG A 100 -3.04 5.19 8.73
C ARG A 100 -4.50 4.76 8.57
N ASP A 101 -5.12 5.16 7.46
CA ASP A 101 -6.56 5.00 7.33
C ASP A 101 -7.00 3.62 6.81
N ASP A 102 -6.07 2.76 6.39
CA ASP A 102 -6.42 1.49 5.75
C ASP A 102 -5.51 0.38 6.23
N ILE A 103 -6.11 -0.69 6.78
CA ILE A 103 -5.35 -1.84 7.24
C ILE A 103 -5.02 -2.82 6.12
N TYR A 104 -5.60 -2.64 4.94
CA TYR A 104 -5.27 -3.47 3.77
C TYR A 104 -4.11 -2.91 2.98
N THR A 105 -3.53 -1.80 3.44
CA THR A 105 -2.43 -1.17 2.75
C THR A 105 -1.23 -1.07 3.69
N LEU A 106 -0.11 -1.64 3.26
CA LEU A 106 1.14 -1.57 4.00
C LEU A 106 2.00 -0.42 3.52
N GLN A 107 2.86 0.05 4.41
CA GLN A 107 3.89 1.01 4.05
C GLN A 107 5.20 0.57 4.69
N ILE A 108 6.31 0.99 4.08
CA ILE A 108 7.61 0.79 4.70
C ILE A 108 7.67 1.49 6.05
N ASN A 109 8.22 0.82 7.03
CA ASN A 109 8.39 1.41 8.33
C ASN A 109 9.67 2.24 8.35
N PRO A 110 9.55 3.57 8.48
CA PRO A 110 10.75 4.41 8.66
C PRO A 110 11.67 3.97 9.80
N ASP A 111 11.14 3.50 10.91
CA ASP A 111 11.99 3.09 12.01
C ASP A 111 12.59 1.69 11.86
N SER A 112 12.71 1.15 10.63
CA SER A 112 13.07 -0.26 10.43
C SER A 112 14.48 -0.60 10.90
N ALA A 113 15.35 0.39 11.08
CA ALA A 113 16.75 0.08 11.32
C ALA A 113 17.03 -0.46 12.73
N VAL A 114 16.03 -0.57 13.61
CA VAL A 114 16.25 -1.29 14.87
C VAL A 114 16.74 -2.70 14.58
N ASN A 115 16.26 -3.30 13.51
CA ASN A 115 16.96 -4.44 12.91
C ASN A 115 18.18 -3.88 12.19
N PRO A 116 19.40 -4.12 12.67
CA PRO A 116 20.57 -3.54 11.98
C PRO A 116 20.78 -4.11 10.59
N GLU A 117 20.29 -5.33 10.31
CA GLU A 117 20.46 -5.98 9.03
C GLU A 117 19.31 -5.69 8.07
N HIS A 118 18.53 -4.65 8.35
CA HIS A 118 17.21 -4.51 7.75
C HIS A 118 17.27 -4.30 6.24
N LEU A 119 18.34 -3.68 5.74
CA LEU A 119 18.40 -3.46 4.30
C LEU A 119 18.45 -4.79 3.52
N SER A 120 19.13 -5.80 4.06
CA SER A 120 19.14 -7.12 3.42
C SER A 120 17.76 -7.74 3.39
N TYR A 121 16.95 -7.46 4.41
CA TYR A 121 15.59 -7.99 4.46
C TYR A 121 14.70 -7.29 3.45
N PHE A 122 14.88 -5.98 3.27
CA PHE A 122 14.15 -5.28 2.22
C PHE A 122 14.59 -5.77 0.84
N HIS A 123 15.90 -5.94 0.66
CA HIS A 123 16.40 -6.59 -0.53
C HIS A 123 15.76 -7.96 -0.69
N PHE A 124 15.70 -8.73 0.40
CA PHE A 124 15.01 -10.01 0.34
C PHE A 124 13.57 -9.85 -0.12
N VAL A 125 12.85 -8.88 0.45
CA VAL A 125 11.45 -8.75 0.11
C VAL A 125 11.30 -8.40 -1.38
N GLY A 126 12.14 -7.50 -1.89
CA GLY A 126 12.14 -7.20 -3.32
C GLY A 126 12.25 -8.44 -4.18
N ARG A 127 13.26 -9.29 -3.91
CA ARG A 127 13.43 -10.52 -4.67
C ARG A 127 12.19 -11.42 -4.58
N ILE A 128 11.55 -11.46 -3.42
CA ILE A 128 10.38 -12.32 -3.28
C ILE A 128 9.24 -11.81 -4.13
N MET A 129 9.00 -10.48 -4.07
CA MET A 129 7.97 -9.90 -4.92
C MET A 129 8.28 -10.10 -6.40
N GLY A 130 9.55 -9.99 -6.78
CA GLY A 130 9.91 -10.20 -8.17
C GLY A 130 9.72 -11.64 -8.59
N MET A 131 9.99 -12.58 -7.66
CA MET A 131 9.82 -13.98 -7.99
C MET A 131 8.36 -14.33 -8.17
N ALA A 132 7.49 -13.68 -7.40
CA ALA A 132 6.05 -13.87 -7.58
C ALA A 132 5.62 -13.44 -8.97
N VAL A 133 6.10 -12.27 -9.43
CA VAL A 133 5.80 -11.82 -10.78
C VAL A 133 6.38 -12.80 -11.79
N PHE A 134 7.65 -13.14 -11.60
CA PHE A 134 8.37 -13.87 -12.64
C PHE A 134 7.74 -15.25 -12.87
N HIS A 135 7.27 -15.89 -11.81
CA HIS A 135 6.79 -17.25 -11.86
C HIS A 135 5.28 -17.34 -11.75
N GLY A 136 4.58 -16.20 -11.85
CA GLY A 136 3.13 -16.21 -11.91
C GLY A 136 2.43 -16.59 -10.62
N HIS A 137 2.93 -16.16 -9.49
CA HIS A 137 2.21 -16.30 -8.25
C HIS A 137 1.92 -14.90 -7.70
N TYR A 138 1.39 -14.85 -6.50
CA TYR A 138 0.84 -13.64 -5.91
C TYR A 138 1.44 -13.42 -4.53
N ILE A 139 1.54 -12.15 -4.17
CA ILE A 139 1.95 -11.71 -2.85
C ILE A 139 0.72 -11.49 -1.98
N ASP A 140 0.80 -11.93 -0.73
CA ASP A 140 -0.29 -11.81 0.25
C ASP A 140 -0.18 -10.47 1.00
N GLY A 141 -0.53 -9.40 0.31
CA GLY A 141 -0.54 -8.10 0.96
C GLY A 141 -0.85 -7.00 -0.02
N GLY A 142 -0.48 -5.78 0.35
CA GLY A 142 -0.81 -4.66 -0.49
C GLY A 142 -0.22 -3.34 -0.06
N PHE A 143 0.13 -2.51 -1.05
CA PHE A 143 0.85 -1.27 -0.85
C PHE A 143 0.05 -0.14 -1.47
N THR A 144 0.44 1.10 -1.18
CA THR A 144 -0.21 2.23 -1.83
C THR A 144 0.12 2.26 -3.31
N LEU A 145 -0.72 2.94 -4.08
CA LEU A 145 -0.39 3.14 -5.49
C LEU A 145 0.89 3.93 -5.70
N PRO A 146 1.23 4.94 -4.90
CA PRO A 146 2.52 5.60 -5.10
C PRO A 146 3.70 4.68 -4.89
N PHE A 147 3.54 3.65 -4.07
CA PHE A 147 4.60 2.67 -3.91
C PHE A 147 4.82 1.88 -5.20
N TYR A 148 3.74 1.38 -5.80
CA TYR A 148 3.87 0.72 -7.10
C TYR A 148 4.46 1.67 -8.13
N LYS A 149 4.04 2.94 -8.07
CA LYS A 149 4.56 3.93 -9.00
C LYS A 149 6.07 4.10 -8.83
N GLN A 150 6.54 4.21 -7.59
CA GLN A 150 7.98 4.28 -7.36
C GLN A 150 8.68 2.98 -7.75
N LEU A 151 8.01 1.86 -7.57
CA LEU A 151 8.61 0.59 -7.96
C LEU A 151 8.75 0.49 -9.48
N LEU A 152 7.87 1.18 -10.23
CA LEU A 152 7.98 1.22 -11.68
C LEU A 152 9.01 2.24 -12.17
N GLY A 153 9.55 3.08 -11.28
CA GLY A 153 10.42 4.14 -11.73
C GLY A 153 9.72 5.40 -12.16
N LYS A 154 8.39 5.46 -12.00
CA LYS A 154 7.65 6.66 -12.33
C LYS A 154 7.79 7.67 -11.18
N SER A 155 7.62 8.95 -11.49
CA SER A 155 7.67 9.95 -10.42
C SER A 155 6.28 10.20 -9.86
N ILE A 156 6.25 10.67 -8.63
CA ILE A 156 5.00 10.91 -7.94
C ILE A 156 4.41 12.22 -8.46
N THR A 157 3.15 12.18 -8.90
CA THR A 157 2.49 13.40 -9.34
C THR A 157 2.25 14.28 -8.12
N LEU A 158 1.73 15.48 -8.36
CA LEU A 158 1.39 16.28 -7.21
C LEU A 158 0.06 15.79 -6.65
N ASP A 159 -0.84 15.41 -7.56
CA ASP A 159 -2.12 14.76 -7.30
C ASP A 159 -2.05 13.64 -6.27
N ASP A 160 -0.92 12.93 -6.24
CA ASP A 160 -0.76 11.85 -5.27
C ASP A 160 -0.61 12.39 -3.85
N MET A 161 -0.26 13.68 -3.70
CA MET A 161 -0.24 14.30 -2.38
C MET A 161 -1.62 14.47 -1.76
N GLU A 162 -2.69 14.53 -2.54
CA GLU A 162 -4.00 14.83 -1.95
C GLU A 162 -4.40 13.83 -0.86
N LEU A 163 -3.70 12.71 -0.72
CA LEU A 163 -3.92 11.77 0.38
C LEU A 163 -2.77 11.71 1.36
N VAL A 164 -1.52 11.70 0.87
CA VAL A 164 -0.37 11.60 1.76
C VAL A 164 -0.11 12.88 2.56
N ASP A 165 -0.71 14.03 2.14
CA ASP A 165 -0.51 15.31 2.82
C ASP A 165 -1.38 16.43 2.24
N PRO A 166 -2.69 16.47 2.53
CA PRO A 166 -3.52 17.57 2.02
C PRO A 166 -3.01 18.96 2.32
N ASP A 167 -2.42 19.18 3.50
CA ASP A 167 -1.94 20.52 3.85
C ASP A 167 -0.71 20.90 3.04
N LEU A 168 0.22 19.95 2.85
CA LEU A 168 1.33 20.16 1.92
C LEU A 168 0.85 20.20 0.48
N HIS A 169 -0.16 19.40 0.13
CA HIS A 169 -0.68 19.44 -1.23
C HIS A 169 -1.21 20.83 -1.56
N ASN A 170 -1.95 21.45 -0.64
CA ASN A 170 -2.55 22.74 -0.92
C ASN A 170 -1.51 23.86 -1.00
N SER A 171 -0.54 23.86 -0.07
CA SER A 171 0.53 24.83 -0.11
C SER A 171 1.31 24.74 -1.43
N LEU A 172 1.69 23.52 -1.83
CA LEU A 172 2.45 23.36 -3.08
C LEU A 172 1.62 23.77 -4.29
N VAL A 173 0.32 23.45 -4.28
CA VAL A 173 -0.57 23.92 -5.34
C VAL A 173 -0.54 25.44 -5.41
N TRP A 174 -0.72 26.11 -4.27
CA TRP A 174 -0.75 27.57 -4.26
C TRP A 174 0.56 28.15 -4.78
N ILE A 175 1.70 27.50 -4.49
CA ILE A 175 2.98 27.97 -5.02
C ILE A 175 2.98 27.91 -6.55
N LEU A 176 2.43 26.83 -7.12
CA LEU A 176 2.38 26.76 -8.59
C LEU A 176 1.38 27.72 -9.20
N GLU A 177 0.27 28.01 -8.51
CA GLU A 177 -0.78 28.84 -9.11
C GLU A 177 -0.42 30.32 -9.13
N ASN A 178 0.29 30.79 -8.12
CA ASN A 178 0.51 32.22 -7.93
C ASN A 178 1.98 32.58 -8.14
N ASP A 179 2.21 33.88 -8.37
CA ASP A 179 3.55 34.44 -8.58
C ASP A 179 4.25 34.57 -7.24
N ILE A 180 5.34 33.81 -7.02
CA ILE A 180 6.03 33.86 -5.75
C ILE A 180 7.08 34.96 -5.67
N THR A 181 7.33 35.68 -6.75
CA THR A 181 8.33 36.76 -6.77
C THR A 181 8.08 37.74 -5.63
N GLY A 182 9.09 37.91 -4.78
CA GLY A 182 9.01 38.85 -3.67
C GLY A 182 8.20 38.36 -2.48
N VAL A 183 7.44 37.28 -2.63
CA VAL A 183 6.51 36.83 -1.61
C VAL A 183 7.01 35.61 -0.84
N LEU A 184 7.92 34.84 -1.41
CA LEU A 184 8.26 33.52 -0.90
C LEU A 184 9.77 33.39 -1.05
N ASP A 185 10.49 33.12 0.03
CA ASP A 185 11.95 33.05 -0.02
C ASP A 185 12.45 31.61 0.16
N HIS A 186 11.77 30.65 -0.47
CA HIS A 186 12.09 29.24 -0.30
C HIS A 186 13.36 28.84 -1.06
N THR A 187 13.89 27.70 -0.66
CA THR A 187 15.19 27.22 -1.11
C THR A 187 15.03 25.76 -1.53
N PHE A 188 16.01 25.25 -2.29
CA PHE A 188 15.92 23.87 -2.76
C PHE A 188 16.44 22.92 -1.70
N CYS A 189 15.89 23.06 -0.50
CA CYS A 189 16.28 22.33 0.68
C CYS A 189 15.08 22.38 1.60
N VAL A 190 14.84 21.29 2.32
CA VAL A 190 13.58 21.10 3.03
C VAL A 190 13.91 20.54 4.41
N GLU A 191 13.05 20.83 5.38
CA GLU A 191 13.26 20.37 6.74
C GLU A 191 12.05 19.58 7.23
N HIS A 192 12.31 18.59 8.09
CA HIS A 192 11.23 17.76 8.56
C HIS A 192 11.57 17.24 9.96
N ASN A 193 10.56 16.72 10.66
CA ASN A 193 10.66 16.30 12.06
C ASN A 193 11.09 14.84 12.16
N ALA A 194 12.34 14.60 12.53
CA ALA A 194 12.88 13.23 12.59
C ALA A 194 13.39 12.93 13.99
N TYR A 195 12.61 12.19 14.77
CA TYR A 195 12.99 11.71 16.10
C TYR A 195 13.10 12.87 17.08
N GLY A 196 11.99 13.60 17.23
CA GLY A 196 11.94 14.76 18.11
C GLY A 196 12.78 15.92 17.65
N GLU A 197 13.31 15.86 16.43
CA GLU A 197 14.32 16.81 15.97
C GLU A 197 13.98 17.33 14.58
N ILE A 198 14.68 18.39 14.19
CA ILE A 198 14.56 19.01 12.88
C ILE A 198 15.85 18.75 12.11
N ILE A 199 15.70 18.18 10.91
CA ILE A 199 16.82 17.81 10.06
C ILE A 199 16.53 18.35 8.67
N GLN A 200 17.54 18.94 8.05
CA GLN A 200 17.34 19.63 6.79
C GLN A 200 18.00 18.86 5.66
N HIS A 201 17.34 18.86 4.50
CA HIS A 201 17.70 17.96 3.42
C HIS A 201 17.63 18.67 2.08
N GLU A 202 18.76 18.73 1.38
CA GLU A 202 18.81 19.34 0.07
C GLU A 202 18.07 18.47 -0.94
N LEU A 203 17.20 19.08 -1.74
CA LEU A 203 16.51 18.32 -2.78
C LEU A 203 17.39 18.10 -4.00
N LYS A 204 18.56 18.74 -4.05
CA LYS A 204 19.48 18.61 -5.17
C LYS A 204 20.82 19.19 -4.72
N PRO A 205 21.89 18.89 -5.45
CA PRO A 205 23.22 19.35 -5.02
C PRO A 205 23.25 20.86 -4.81
N ASN A 206 23.66 21.26 -3.60
CA ASN A 206 23.75 22.65 -3.18
C ASN A 206 22.38 23.33 -3.12
N GLY A 207 21.31 22.55 -2.97
CA GLY A 207 19.98 23.16 -2.94
C GLY A 207 19.79 24.14 -1.81
N LYS A 208 20.57 23.98 -0.73
CA LYS A 208 20.60 24.96 0.36
C LYS A 208 20.93 26.35 -0.12
N SER A 209 21.56 26.48 -1.28
CA SER A 209 21.99 27.77 -1.81
C SER A 209 21.22 28.18 -3.07
N ILE A 210 20.15 27.48 -3.42
CA ILE A 210 19.43 27.70 -4.67
C ILE A 210 18.03 28.24 -4.34
N PRO A 211 17.74 29.49 -4.66
CA PRO A 211 16.40 30.03 -4.40
C PRO A 211 15.35 29.39 -5.27
N VAL A 212 14.17 29.20 -4.71
CA VAL A 212 13.00 28.85 -5.49
C VAL A 212 12.42 30.13 -6.08
N ASN A 213 12.18 30.12 -7.38
CA ASN A 213 11.69 31.30 -8.06
C ASN A 213 10.68 30.85 -9.10
N GLU A 214 10.20 31.82 -9.87
CA GLU A 214 9.16 31.55 -10.84
C GLU A 214 9.65 30.63 -11.96
N GLU A 215 10.95 30.65 -12.24
CA GLU A 215 11.51 29.84 -13.31
C GLU A 215 11.72 28.38 -12.91
N ASN A 216 12.11 28.11 -11.66
CA ASN A 216 12.40 26.74 -11.24
C ASN A 216 11.37 26.15 -10.29
N LYS A 217 10.28 26.88 -10.04
CA LYS A 217 9.11 26.41 -9.29
C LYS A 217 8.70 24.96 -9.59
N LYS A 218 8.47 24.64 -10.86
CA LYS A 218 7.99 23.30 -11.22
C LYS A 218 8.99 22.23 -10.78
N GLU A 219 10.28 22.46 -11.05
CA GLU A 219 11.30 21.53 -10.60
C GLU A 219 11.29 21.38 -9.07
N TYR A 220 11.12 22.49 -8.34
CA TYR A 220 11.07 22.46 -6.89
C TYR A 220 9.94 21.58 -6.37
N VAL A 221 8.74 21.76 -6.91
CA VAL A 221 7.59 21.01 -6.41
C VAL A 221 7.71 19.54 -6.80
N ARG A 222 8.26 19.25 -7.99
N ARG A 222 8.25 19.26 -8.00
CA ARG A 222 8.45 17.86 -8.39
CA ARG A 222 8.46 17.87 -8.41
C ARG A 222 9.42 17.14 -7.45
C ARG A 222 9.41 17.16 -7.46
N LEU A 223 10.57 17.78 -7.17
CA LEU A 223 11.54 17.17 -6.26
C LEU A 223 10.98 17.03 -4.85
N TYR A 224 10.11 17.94 -4.45
CA TYR A 224 9.64 17.94 -3.07
C TYR A 224 8.50 16.94 -2.86
N VAL A 225 7.66 16.74 -3.87
CA VAL A 225 6.73 15.61 -3.83
C VAL A 225 7.48 14.29 -3.74
N ASN A 226 8.36 14.03 -4.72
CA ASN A 226 9.12 12.79 -4.72
C ASN A 226 9.82 12.57 -3.40
N TRP A 227 10.28 13.65 -2.75
CA TRP A 227 11.00 13.49 -1.49
C TRP A 227 10.04 13.13 -0.36
N ARG A 228 8.86 13.74 -0.33
CA ARG A 228 7.96 13.52 0.79
C ARG A 228 7.40 12.11 0.81
N PHE A 229 7.37 11.42 -0.34
N PHE A 229 7.44 11.40 -0.32
CA PHE A 229 7.02 10.00 -0.31
CA PHE A 229 7.03 10.01 -0.38
C PHE A 229 8.18 9.19 0.26
C PHE A 229 8.15 9.04 -0.04
N LEU A 230 9.40 9.46 -0.17
CA LEU A 230 10.54 8.67 0.26
C LEU A 230 11.06 9.07 1.62
N ARG A 231 10.47 10.08 2.24
CA ARG A 231 11.01 10.69 3.45
C ARG A 231 11.13 9.63 4.54
N GLY A 232 12.37 9.36 4.98
CA GLY A 232 12.64 8.38 6.02
C GLY A 232 12.68 6.91 5.58
N ILE A 233 12.35 6.60 4.32
CA ILE A 233 12.27 5.20 3.92
C ILE A 233 13.10 4.98 2.66
N GLU A 234 14.00 5.92 2.35
CA GLU A 234 14.71 5.91 1.07
C GLU A 234 15.63 4.71 0.94
N ALA A 235 16.52 4.51 1.91
CA ALA A 235 17.42 3.36 1.83
C ALA A 235 16.64 2.05 1.78
N GLN A 236 15.50 1.99 2.47
CA GLN A 236 14.71 0.77 2.46
C GLN A 236 14.08 0.54 1.10
N PHE A 237 13.52 1.59 0.51
CA PHE A 237 12.95 1.41 -0.81
C PHE A 237 14.01 1.02 -1.83
N LEU A 238 15.17 1.67 -1.78
CA LEU A 238 16.23 1.35 -2.72
C LEU A 238 16.56 -0.13 -2.64
N ALA A 239 16.74 -0.65 -1.42
CA ALA A 239 17.13 -2.06 -1.25
C ALA A 239 16.06 -3.00 -1.77
N LEU A 240 14.79 -2.72 -1.43
CA LEU A 240 13.69 -3.50 -1.98
C LEU A 240 13.69 -3.45 -3.51
N GLN A 241 13.78 -2.24 -4.08
CA GLN A 241 13.73 -2.08 -5.52
C GLN A 241 14.91 -2.77 -6.22
N LYS A 242 16.08 -2.80 -5.58
CA LYS A 242 17.18 -3.59 -6.14
C LYS A 242 16.80 -5.06 -6.23
N GLY A 243 16.30 -5.62 -5.12
CA GLY A 243 15.90 -7.02 -5.14
C GLY A 243 14.88 -7.31 -6.22
N PHE A 244 13.90 -6.42 -6.37
CA PHE A 244 12.85 -6.59 -7.36
C PHE A 244 13.42 -6.57 -8.78
N ASN A 245 14.22 -5.55 -9.09
CA ASN A 245 14.79 -5.46 -10.43
C ASN A 245 15.89 -6.48 -10.70
N GLU A 246 16.36 -7.20 -9.67
CA GLU A 246 17.24 -8.34 -9.92
C GLU A 246 16.48 -9.51 -10.53
N VAL A 247 15.16 -9.53 -10.37
CA VAL A 247 14.34 -10.61 -10.88
C VAL A 247 13.60 -10.18 -12.13
N ILE A 248 12.99 -9.00 -12.11
CA ILE A 248 12.28 -8.39 -13.22
C ILE A 248 13.08 -7.16 -13.63
N PRO A 249 13.81 -7.18 -14.75
CA PRO A 249 14.51 -5.96 -15.20
C PRO A 249 13.51 -4.84 -15.43
N GLN A 250 13.90 -3.62 -15.05
CA GLN A 250 12.95 -2.51 -15.01
C GLN A 250 12.33 -2.24 -16.38
N HIS A 251 13.04 -2.54 -17.46
CA HIS A 251 12.49 -2.27 -18.77
C HIS A 251 11.38 -3.23 -19.18
N LEU A 252 11.17 -4.36 -18.47
CA LEU A 252 10.03 -5.23 -18.79
C LEU A 252 8.70 -4.63 -18.38
N LEU A 253 8.72 -3.63 -17.50
CA LEU A 253 7.50 -3.01 -17.02
C LEU A 253 7.33 -1.56 -17.49
N LYS A 254 8.09 -1.13 -18.52
CA LYS A 254 7.94 0.21 -19.08
C LYS A 254 6.48 0.59 -19.31
N THR A 255 5.69 -0.31 -19.90
CA THR A 255 4.36 0.00 -20.40
C THR A 255 3.25 -0.26 -19.38
N PHE A 256 3.59 -0.63 -18.16
CA PHE A 256 2.61 -0.83 -17.10
C PHE A 256 2.45 0.43 -16.26
N ASP A 257 1.23 0.70 -15.83
CA ASP A 257 1.02 1.72 -14.81
C ASP A 257 0.83 1.08 -13.43
N GLU A 258 0.79 1.94 -12.41
CA GLU A 258 0.78 1.48 -11.03
C GLU A 258 -0.35 0.49 -10.74
N LYS A 259 -1.55 0.73 -11.31
CA LYS A 259 -2.68 -0.14 -11.02
C LYS A 259 -2.50 -1.50 -11.69
N GLU A 260 -1.74 -1.56 -12.78
CA GLU A 260 -1.49 -2.84 -13.42
C GLU A 260 -0.44 -3.63 -12.66
N LEU A 261 0.61 -2.94 -12.19
CA LEU A 261 1.60 -3.61 -11.36
C LEU A 261 0.96 -4.22 -10.12
N GLU A 262 -0.03 -3.54 -9.55
CA GLU A 262 -0.66 -4.04 -8.34
C GLU A 262 -1.42 -5.33 -8.61
N LEU A 263 -2.15 -5.38 -9.72
CA LEU A 263 -2.81 -6.62 -10.12
C LEU A 263 -1.85 -7.76 -10.39
N ILE A 264 -0.69 -7.50 -10.99
CA ILE A 264 0.10 -8.69 -11.28
C ILE A 264 0.87 -9.15 -10.05
N ILE A 265 1.02 -8.29 -9.05
CA ILE A 265 1.76 -8.66 -7.86
C ILE A 265 0.85 -9.23 -6.77
N CYS A 266 -0.34 -8.68 -6.64
CA CYS A 266 -1.26 -9.00 -5.56
C CYS A 266 -2.57 -9.61 -6.04
N GLY A 267 -2.85 -9.59 -7.34
CA GLY A 267 -4.13 -10.07 -7.83
C GLY A 267 -5.24 -9.06 -7.71
N LEU A 268 -6.46 -9.58 -7.80
CA LEU A 268 -7.64 -8.74 -7.96
C LEU A 268 -8.23 -8.42 -6.60
N GLY A 269 -8.33 -7.14 -6.30
CA GLY A 269 -8.86 -6.68 -5.05
C GLY A 269 -10.34 -6.40 -5.09
N LYS A 270 -10.87 -6.01 -6.25
CA LYS A 270 -12.29 -5.70 -6.36
C LYS A 270 -13.08 -7.01 -6.55
N ILE A 271 -13.96 -7.30 -5.60
CA ILE A 271 -14.70 -8.57 -5.59
C ILE A 271 -16.07 -8.37 -6.22
N ASP A 272 -16.31 -9.03 -7.34
CA ASP A 272 -17.60 -8.98 -8.02
C ASP A 272 -18.46 -10.14 -7.52
N VAL A 273 -19.65 -9.81 -7.03
CA VAL A 273 -20.53 -10.83 -6.48
C VAL A 273 -21.07 -11.78 -7.55
N ASN A 274 -21.28 -11.30 -8.78
CA ASN A 274 -21.82 -12.17 -9.82
C ASN A 274 -20.78 -13.20 -10.27
N ASP A 275 -19.54 -12.76 -10.50
CA ASP A 275 -18.45 -13.69 -10.75
C ASP A 275 -18.31 -14.70 -9.61
N TRP A 276 -18.60 -14.26 -8.38
CA TRP A 276 -18.52 -15.13 -7.21
C TRP A 276 -19.65 -16.16 -7.21
N LYS A 277 -20.90 -15.69 -7.31
CA LYS A 277 -22.06 -16.58 -7.33
C LYS A 277 -21.86 -17.73 -8.30
N VAL A 278 -21.43 -17.37 -9.51
CA VAL A 278 -21.39 -18.21 -10.70
C VAL A 278 -20.31 -19.28 -10.60
N ASN A 279 -19.24 -19.02 -9.86
CA ASN A 279 -18.14 -19.95 -9.66
C ASN A 279 -18.17 -20.50 -8.23
N THR A 280 -19.36 -20.79 -7.72
CA THR A 280 -19.55 -21.40 -6.41
C THR A 280 -20.17 -22.78 -6.59
N ARG A 281 -19.59 -23.78 -5.91
CA ARG A 281 -20.17 -25.12 -5.81
C ARG A 281 -21.04 -25.22 -4.56
N LEU A 282 -22.03 -26.11 -4.61
CA LEU A 282 -22.96 -26.26 -3.51
C LEU A 282 -22.96 -27.72 -3.05
N LYS A 283 -22.79 -27.93 -1.74
CA LYS A 283 -22.83 -29.27 -1.17
C LYS A 283 -24.01 -29.36 -0.22
N HIS A 284 -24.88 -30.34 -0.45
CA HIS A 284 -26.05 -30.58 0.42
C HIS A 284 -26.96 -29.36 0.51
N CYS A 285 -26.89 -28.47 -0.48
CA CYS A 285 -27.87 -27.41 -0.65
C CYS A 285 -28.03 -27.14 -2.14
N THR A 286 -29.05 -26.35 -2.49
CA THR A 286 -29.37 -26.17 -3.89
C THR A 286 -29.31 -24.69 -4.24
N PRO A 287 -29.34 -24.32 -5.52
CA PRO A 287 -29.34 -22.88 -5.85
C PRO A 287 -30.54 -22.15 -5.32
N ASP A 288 -31.70 -22.81 -5.25
CA ASP A 288 -32.91 -22.15 -4.78
C ASP A 288 -33.21 -22.47 -3.32
N SER A 289 -32.24 -22.90 -2.53
CA SER A 289 -32.52 -23.12 -1.14
C SER A 289 -32.20 -21.85 -0.36
N ASN A 290 -32.82 -21.75 0.83
CA ASN A 290 -32.86 -20.48 1.54
C ASN A 290 -31.49 -20.11 2.05
N ILE A 291 -30.76 -21.12 2.53
CA ILE A 291 -29.47 -20.85 3.09
C ILE A 291 -28.60 -20.20 2.03
N VAL A 292 -28.76 -20.64 0.78
CA VAL A 292 -27.95 -20.14 -0.34
C VAL A 292 -28.46 -18.79 -0.80
N LYS A 293 -29.78 -18.59 -0.88
CA LYS A 293 -30.26 -17.27 -1.23
C LYS A 293 -29.83 -16.24 -0.18
N TRP A 294 -29.95 -16.61 1.10
CA TRP A 294 -29.62 -15.66 2.15
C TRP A 294 -28.13 -15.33 2.12
N PHE A 295 -27.29 -16.33 1.90
CA PHE A 295 -25.85 -16.08 1.85
C PHE A 295 -25.53 -15.02 0.79
N TRP A 296 -26.04 -15.18 -0.44
CA TRP A 296 -25.75 -14.18 -1.46
C TRP A 296 -26.42 -12.85 -1.17
N LYS A 297 -27.58 -12.87 -0.51
CA LYS A 297 -28.19 -11.63 -0.08
C LYS A 297 -27.28 -10.88 0.87
N ALA A 298 -26.63 -11.61 1.77
CA ALA A 298 -25.75 -10.98 2.75
C ALA A 298 -24.48 -10.48 2.08
N VAL A 299 -23.91 -11.30 1.19
CA VAL A 299 -22.74 -10.88 0.40
C VAL A 299 -23.07 -9.64 -0.43
N GLU A 300 -24.29 -9.57 -0.97
CA GLU A 300 -24.67 -8.40 -1.74
C GLU A 300 -24.71 -7.16 -0.85
N PHE A 301 -25.16 -7.30 0.40
CA PHE A 301 -25.17 -6.12 1.26
C PHE A 301 -23.78 -5.80 1.78
N PHE A 302 -22.94 -6.81 2.01
CA PHE A 302 -21.60 -6.55 2.51
C PHE A 302 -20.89 -5.52 1.63
N ASP A 303 -20.29 -4.51 2.27
CA ASP A 303 -19.40 -3.56 1.59
C ASP A 303 -18.08 -4.23 1.25
N GLU A 304 -17.14 -3.45 0.72
CA GLU A 304 -15.92 -4.08 0.20
C GLU A 304 -15.07 -4.65 1.34
N GLU A 305 -14.94 -3.92 2.45
CA GLU A 305 -14.22 -4.44 3.63
C GLU A 305 -14.84 -5.74 4.13
N ARG A 306 -16.16 -5.77 4.27
CA ARG A 306 -16.81 -6.98 4.72
C ARG A 306 -16.59 -8.12 3.73
N ARG A 307 -16.67 -7.86 2.43
CA ARG A 307 -16.44 -8.93 1.47
C ARG A 307 -15.00 -9.40 1.52
N ALA A 308 -14.05 -8.49 1.75
CA ALA A 308 -12.66 -8.91 1.95
C ALA A 308 -12.53 -9.88 3.12
N ARG A 309 -13.17 -9.57 4.25
CA ARG A 309 -13.08 -10.43 5.42
C ARG A 309 -13.72 -11.80 5.16
N LEU A 310 -14.91 -11.83 4.55
CA LEU A 310 -15.52 -13.10 4.24
C LEU A 310 -14.59 -13.95 3.37
N LEU A 311 -13.90 -13.33 2.41
CA LEU A 311 -13.04 -14.11 1.53
C LEU A 311 -11.80 -14.57 2.26
N GLN A 312 -11.19 -13.68 3.05
CA GLN A 312 -10.19 -14.04 4.05
C GLN A 312 -10.60 -15.28 4.83
N PHE A 313 -11.80 -15.24 5.40
CA PHE A 313 -12.28 -16.30 6.29
C PHE A 313 -12.29 -17.66 5.57
N VAL A 314 -12.86 -17.70 4.36
CA VAL A 314 -13.07 -18.97 3.67
C VAL A 314 -11.86 -19.46 2.87
N THR A 315 -10.95 -18.57 2.47
CA THR A 315 -9.86 -18.95 1.58
C THR A 315 -8.46 -18.62 2.10
N GLY A 316 -8.33 -17.74 3.09
CA GLY A 316 -7.03 -17.25 3.45
C GLY A 316 -6.59 -16.01 2.71
N SER A 317 -7.32 -15.58 1.68
CA SER A 317 -6.92 -14.39 0.95
C SER A 317 -8.13 -13.50 0.73
N SER A 318 -7.95 -12.20 0.90
CA SER A 318 -9.00 -11.24 0.54
C SER A 318 -8.95 -10.84 -0.94
N ARG A 319 -8.05 -11.43 -1.72
CA ARG A 319 -7.89 -11.15 -3.14
C ARG A 319 -8.10 -12.44 -3.93
N VAL A 320 -8.40 -12.31 -5.22
CA VAL A 320 -8.55 -13.45 -6.13
C VAL A 320 -7.57 -13.28 -7.30
N PRO A 321 -7.29 -14.36 -8.05
CA PRO A 321 -6.46 -14.26 -9.26
C PRO A 321 -7.04 -13.31 -10.31
N LEU A 322 -6.19 -12.90 -11.27
CA LEU A 322 -6.71 -12.04 -12.34
C LEU A 322 -7.92 -12.63 -13.02
N GLN A 323 -7.87 -13.93 -13.35
CA GLN A 323 -9.02 -14.58 -13.98
C GLN A 323 -10.25 -14.59 -13.09
N GLY A 324 -10.10 -14.27 -11.82
CA GLY A 324 -11.25 -14.17 -10.96
C GLY A 324 -11.59 -15.53 -10.36
N PHE A 325 -12.83 -15.62 -9.92
CA PHE A 325 -13.23 -16.73 -9.06
C PHE A 325 -13.15 -18.09 -9.77
N LYS A 326 -13.29 -18.14 -11.10
CA LYS A 326 -13.14 -19.45 -11.72
C LYS A 326 -11.73 -19.99 -11.53
N ALA A 327 -10.77 -19.13 -11.21
CA ALA A 327 -9.37 -19.52 -11.11
C ALA A 327 -8.94 -19.79 -9.66
N LEU A 328 -9.88 -19.82 -8.74
CA LEU A 328 -9.54 -19.99 -7.34
C LEU A 328 -8.80 -21.31 -7.11
N GLN A 329 -7.69 -21.24 -6.37
CA GLN A 329 -6.88 -22.40 -6.04
C GLN A 329 -7.14 -22.84 -4.61
N GLY A 330 -6.97 -24.14 -4.39
CA GLY A 330 -7.13 -24.63 -3.04
C GLY A 330 -5.83 -25.22 -2.55
N ALA A 331 -5.86 -26.52 -2.26
CA ALA A 331 -4.68 -27.21 -1.79
C ALA A 331 -3.99 -27.86 -2.98
N ALA A 332 -4.49 -29.03 -3.39
CA ALA A 332 -4.12 -29.63 -4.67
C ALA A 332 -4.89 -28.91 -5.78
N GLY A 333 -4.16 -28.15 -6.60
CA GLY A 333 -4.73 -27.47 -7.74
C GLY A 333 -5.95 -26.63 -7.41
N PRO A 334 -6.81 -26.45 -8.40
CA PRO A 334 -7.95 -25.54 -8.24
C PRO A 334 -9.04 -26.12 -7.36
N ARG A 335 -9.72 -25.23 -6.66
CA ARG A 335 -10.95 -25.58 -5.93
C ARG A 335 -11.84 -24.35 -5.92
N LEU A 336 -12.98 -24.45 -6.60
CA LEU A 336 -13.96 -23.37 -6.55
C LEU A 336 -14.43 -23.15 -5.10
N PHE A 337 -14.79 -21.91 -4.81
CA PHE A 337 -15.57 -21.60 -3.63
C PHE A 337 -16.72 -22.59 -3.49
N THR A 338 -16.90 -23.10 -2.26
CA THR A 338 -17.90 -24.12 -1.96
C THR A 338 -18.68 -23.71 -0.72
N ILE A 339 -20.01 -23.69 -0.82
CA ILE A 339 -20.91 -23.58 0.31
C ILE A 339 -21.41 -24.97 0.65
N HIS A 340 -21.17 -25.39 1.88
CA HIS A 340 -21.54 -26.72 2.36
C HIS A 340 -22.55 -26.52 3.48
N GLN A 341 -23.80 -26.88 3.22
CA GLN A 341 -24.79 -26.84 4.29
C GLN A 341 -24.62 -28.07 5.16
N ILE A 342 -24.43 -27.88 6.46
CA ILE A 342 -24.09 -28.97 7.35
C ILE A 342 -25.23 -29.19 8.32
N ASP A 343 -25.28 -30.40 8.85
CA ASP A 343 -26.31 -30.82 9.79
C ASP A 343 -25.80 -30.52 11.19
N ALA A 344 -25.98 -29.28 11.64
CA ALA A 344 -25.48 -28.91 12.96
C ALA A 344 -26.44 -27.93 13.63
N CYS A 345 -26.20 -27.70 14.92
CA CYS A 345 -27.01 -26.81 15.73
C CYS A 345 -27.00 -25.40 15.15
N THR A 346 -28.17 -24.76 15.06
CA THR A 346 -28.29 -23.49 14.34
C THR A 346 -27.81 -22.30 15.15
N ASN A 347 -27.29 -22.52 16.34
CA ASN A 347 -26.61 -21.44 17.02
C ASN A 347 -25.12 -21.41 16.71
N ASN A 348 -24.60 -22.39 15.96
CA ASN A 348 -23.18 -22.35 15.62
C ASN A 348 -22.91 -21.23 14.63
N LEU A 349 -21.67 -20.76 14.61
CA LEU A 349 -21.21 -19.90 13.55
C LEU A 349 -20.80 -20.72 12.32
N PRO A 350 -20.82 -20.12 11.14
CA PRO A 350 -20.19 -20.76 9.98
C PRO A 350 -18.73 -21.03 10.29
N LYS A 351 -18.26 -22.20 9.87
CA LYS A 351 -16.87 -22.59 10.01
C LYS A 351 -16.24 -22.66 8.63
N ALA A 352 -14.96 -22.35 8.56
CA ALA A 352 -14.26 -22.30 7.28
C ALA A 352 -13.30 -23.47 7.17
N HIS A 353 -13.04 -23.87 5.93
CA HIS A 353 -12.02 -24.87 5.63
C HIS A 353 -11.21 -24.28 4.48
N THR A 354 -10.21 -23.48 4.82
CA THR A 354 -9.50 -22.70 3.80
C THR A 354 -8.66 -23.56 2.85
N CYS A 355 -8.29 -24.81 3.21
CA CYS A 355 -7.62 -25.63 2.20
C CYS A 355 -8.55 -25.98 1.05
N PHE A 356 -9.87 -25.89 1.27
CA PHE A 356 -10.88 -26.31 0.32
C PHE A 356 -11.74 -25.15 -0.14
N ASN A 357 -11.43 -23.92 0.28
CA ASN A 357 -12.26 -22.75 -0.03
C ASN A 357 -13.72 -23.05 0.26
N ARG A 358 -13.97 -23.75 1.36
CA ARG A 358 -15.28 -24.24 1.73
C ARG A 358 -15.75 -23.55 3.01
N ILE A 359 -17.00 -23.10 3.05
CA ILE A 359 -17.63 -22.61 4.26
C ILE A 359 -18.77 -23.54 4.63
N ASP A 360 -18.82 -23.95 5.89
CA ASP A 360 -19.84 -24.85 6.41
C ASP A 360 -20.90 -24.01 7.14
N ILE A 361 -22.15 -24.13 6.73
CA ILE A 361 -23.23 -23.29 7.21
C ILE A 361 -24.33 -24.19 7.80
N PRO A 362 -24.79 -23.93 9.01
CA PRO A 362 -25.94 -24.65 9.56
C PRO A 362 -27.22 -24.18 8.90
N PRO A 363 -28.29 -24.96 8.97
CA PRO A 363 -29.54 -24.54 8.31
C PRO A 363 -30.28 -23.46 9.09
N TYR A 364 -29.71 -22.25 9.11
CA TYR A 364 -30.25 -21.13 9.86
C TYR A 364 -31.71 -20.87 9.49
N GLU A 365 -32.46 -20.30 10.44
CA GLU A 365 -33.91 -20.20 10.31
C GLU A 365 -34.37 -18.93 9.61
N SER A 366 -33.56 -17.87 9.62
CA SER A 366 -33.93 -16.66 8.90
C SER A 366 -32.71 -16.03 8.26
N TYR A 367 -32.98 -15.19 7.26
CA TYR A 367 -31.92 -14.38 6.67
C TYR A 367 -31.17 -13.60 7.74
N GLU A 368 -31.92 -13.00 8.69
CA GLU A 368 -31.27 -12.17 9.71
C GLU A 368 -30.31 -13.00 10.57
N LYS A 369 -30.67 -14.24 10.88
CA LYS A 369 -29.78 -15.07 11.69
C LYS A 369 -28.50 -15.36 10.93
N LEU A 370 -28.62 -15.86 9.69
CA LEU A 370 -27.45 -16.05 8.84
C LEU A 370 -26.63 -14.76 8.71
N TYR A 371 -27.30 -13.64 8.40
CA TYR A 371 -26.59 -12.38 8.22
C TYR A 371 -25.74 -12.05 9.44
N GLU A 372 -26.33 -12.17 10.62
CA GLU A 372 -25.65 -11.80 11.85
C GLU A 372 -24.58 -12.81 12.21
N LYS A 373 -24.87 -14.09 11.99
CA LYS A 373 -23.90 -15.11 12.34
C LYS A 373 -22.71 -15.11 11.40
N LEU A 374 -22.94 -14.85 10.11
CA LEU A 374 -21.85 -14.65 9.15
C LEU A 374 -20.95 -13.47 9.56
N LEU A 375 -21.55 -12.32 9.85
CA LEU A 375 -20.75 -11.17 10.26
C LEU A 375 -19.93 -11.48 11.52
N THR A 376 -20.49 -12.27 12.45
CA THR A 376 -19.71 -12.61 13.63
C THR A 376 -18.55 -13.53 13.27
N ALA A 377 -18.76 -14.50 12.39
CA ALA A 377 -17.70 -15.43 12.03
C ALA A 377 -16.50 -14.71 11.43
N ILE A 378 -16.74 -13.70 10.59
CA ILE A 378 -15.68 -13.05 9.81
C ILE A 378 -15.11 -11.84 10.54
N GLU A 379 -15.13 -11.86 11.86
CA GLU A 379 -14.63 -10.75 12.66
C GLU A 379 -13.10 -10.71 12.58
N GLU A 380 -12.54 -9.49 12.63
CA GLU A 380 -11.13 -9.29 12.27
C GLU A 380 -10.17 -9.58 13.42
N THR A 381 -9.07 -10.26 13.09
CA THR A 381 -8.05 -10.74 14.04
C THR A 381 -6.87 -9.78 14.27
N MET B 25 -6.33 23.58 18.45
CA MET B 25 -5.35 22.76 19.16
C MET B 25 -3.98 23.43 19.11
N LEU B 26 -3.17 22.93 18.18
CA LEU B 26 -1.75 23.27 18.06
C LEU B 26 -1.45 23.18 16.57
N ILE B 27 -1.67 24.28 15.86
CA ILE B 27 -1.45 24.31 14.42
C ILE B 27 -0.04 24.83 14.14
N PHE B 28 0.48 24.45 12.97
CA PHE B 28 1.82 24.82 12.53
C PHE B 28 1.71 25.78 11.36
N VAL B 29 2.80 26.47 11.06
CA VAL B 29 2.83 27.39 9.93
C VAL B 29 4.12 27.21 9.16
N TRP B 30 4.01 26.95 7.86
CA TRP B 30 5.15 26.85 6.96
C TRP B 30 5.37 28.23 6.36
N THR B 31 6.41 28.92 6.82
CA THR B 31 6.64 30.31 6.47
C THR B 31 7.45 30.46 5.19
N PHE B 32 7.53 31.69 4.69
CA PHE B 32 8.18 31.95 3.43
C PHE B 32 9.70 31.87 3.52
N LYS B 33 10.26 31.66 4.71
CA LYS B 33 11.69 31.40 4.81
C LYS B 33 12.00 29.91 4.85
N GLY B 34 10.99 29.06 4.63
CA GLY B 34 11.14 27.65 4.89
C GLY B 34 11.03 27.28 6.34
N ASN B 35 11.00 28.25 7.25
CA ASN B 35 10.90 27.96 8.67
C ASN B 35 9.56 27.32 8.90
N THR B 36 9.49 26.33 9.79
CA THR B 36 8.23 25.63 9.99
C THR B 36 7.94 25.65 11.50
N ILE B 37 7.49 26.81 12.00
CA ILE B 37 7.20 27.02 13.42
C ILE B 37 6.25 25.96 13.93
N THR B 38 6.21 25.85 15.25
CA THR B 38 5.10 25.29 15.98
C THR B 38 4.45 26.39 16.82
N LEU B 39 3.12 26.52 16.73
CA LEU B 39 2.38 27.64 17.30
C LEU B 39 1.32 27.13 18.27
N GLU B 40 1.46 27.47 19.55
CA GLU B 40 0.46 27.14 20.57
C GLU B 40 -0.73 28.08 20.40
N VAL B 41 -1.88 27.53 19.99
CA VAL B 41 -3.03 28.33 19.57
C VAL B 41 -4.31 27.77 20.15
N GLU B 42 -5.45 28.29 19.67
CA GLU B 42 -6.76 27.77 20.04
C GLU B 42 -7.76 28.20 18.97
N PRO B 43 -8.82 27.41 18.72
CA PRO B 43 -9.88 27.86 17.80
C PRO B 43 -10.69 29.00 18.38
N SER B 44 -10.60 29.24 19.69
CA SER B 44 -11.18 30.41 20.33
C SER B 44 -10.52 31.71 19.90
N ASP B 45 -9.38 31.64 19.22
CA ASP B 45 -8.65 32.82 18.75
C ASP B 45 -9.20 33.28 17.40
N THR B 46 -8.57 34.32 16.85
CA THR B 46 -8.83 34.77 15.50
C THR B 46 -7.51 35.18 14.87
N ILE B 47 -7.44 35.05 13.54
CA ILE B 47 -6.15 35.06 12.84
C ILE B 47 -5.30 36.32 13.09
N GLU B 48 -5.92 37.43 13.49
CA GLU B 48 -5.22 38.61 14.01
C GLU B 48 -4.29 38.27 15.17
N ASN B 49 -4.82 37.53 16.16
CA ASN B 49 -4.02 37.05 17.27
C ASN B 49 -3.02 36.02 16.79
N VAL B 50 -3.39 35.23 15.79
CA VAL B 50 -2.43 34.34 15.14
C VAL B 50 -1.23 35.14 14.66
N LYS B 51 -1.48 36.24 13.95
CA LYS B 51 -0.40 37.09 13.44
C LYS B 51 0.45 37.64 14.57
N ALA B 52 -0.19 37.97 15.68
CA ALA B 52 0.50 38.36 16.90
C ALA B 52 1.36 37.23 17.43
N LYS B 53 0.83 35.99 17.39
CA LYS B 53 1.63 34.83 17.78
C LYS B 53 2.78 34.60 16.81
N ILE B 54 2.60 34.96 15.54
CA ILE B 54 3.70 34.87 14.59
C ILE B 54 4.69 36.00 14.87
N GLN B 55 4.17 37.21 15.10
CA GLN B 55 4.94 38.30 15.69
C GLN B 55 5.61 37.90 17.00
N ASP B 56 5.09 36.87 17.67
CA ASP B 56 5.75 36.35 18.87
C ASP B 56 6.95 35.48 18.51
N LYS B 57 6.72 34.42 17.74
CA LYS B 57 7.79 33.45 17.49
C LYS B 57 8.93 34.06 16.70
N GLU B 58 8.64 34.67 15.55
CA GLU B 58 9.67 35.24 14.69
C GLU B 58 9.54 36.74 14.48
N GLY B 59 8.55 37.39 15.06
CA GLY B 59 8.51 38.85 15.01
C GLY B 59 8.23 39.45 13.65
N ILE B 60 7.35 38.85 12.86
CA ILE B 60 6.92 39.41 11.59
C ILE B 60 5.66 40.26 11.87
N PRO B 61 5.72 41.57 11.64
CA PRO B 61 4.56 42.43 11.93
C PRO B 61 3.33 41.99 11.17
N PRO B 62 2.16 41.95 11.84
CA PRO B 62 0.94 41.46 11.17
C PRO B 62 0.64 42.07 9.80
N ASP B 63 1.00 43.34 9.58
CA ASP B 63 0.61 44.01 8.35
C ASP B 63 1.41 43.58 7.13
N GLN B 64 2.49 42.82 7.31
CA GLN B 64 3.19 42.21 6.18
C GLN B 64 3.10 40.68 6.21
N GLN B 65 2.08 40.15 6.88
CA GLN B 65 1.78 38.73 6.84
C GLN B 65 0.53 38.49 6.02
N ARG B 66 0.57 37.47 5.17
CA ARG B 66 -0.57 37.03 4.38
C ARG B 66 -0.69 35.53 4.54
N LEU B 67 -1.82 35.06 5.07
CA LEU B 67 -2.01 33.66 5.43
C LEU B 67 -2.93 32.97 4.43
N ILE B 68 -2.50 31.79 3.97
CA ILE B 68 -3.18 30.99 2.96
C ILE B 68 -3.40 29.60 3.53
N PHE B 69 -4.61 29.06 3.33
CA PHE B 69 -4.80 27.61 3.32
C PHE B 69 -6.20 27.33 2.78
N ALA B 70 -6.34 26.20 2.07
CA ALA B 70 -7.41 25.92 1.11
C ALA B 70 -7.29 26.84 -0.12
N ARG B 71 -6.08 27.25 -0.45
CA ARG B 71 -5.67 27.86 -1.71
C ARG B 71 -6.23 29.28 -1.63
N LYS B 72 -6.59 29.76 -0.43
CA LYS B 72 -7.42 30.96 -0.34
C LYS B 72 -6.99 31.84 0.82
N GLN B 73 -7.10 33.16 0.57
CA GLN B 73 -6.73 34.19 1.53
C GLN B 73 -7.60 34.12 2.78
N LEU B 74 -7.01 34.42 3.92
CA LEU B 74 -7.71 34.43 5.21
C LEU B 74 -7.98 35.87 5.64
N GLU B 75 -9.17 36.39 5.35
CA GLU B 75 -9.53 37.73 5.80
C GLU B 75 -9.54 37.84 7.31
N ASP B 76 -9.09 38.99 7.81
CA ASP B 76 -9.25 39.33 9.21
C ASP B 76 -10.71 39.36 9.58
N ARG B 78 -12.08 36.48 10.93
CA ARG B 78 -12.67 35.18 11.25
C ARG B 78 -11.73 34.38 12.14
N THR B 79 -12.24 33.27 12.67
CA THR B 79 -11.47 32.38 13.54
C THR B 79 -10.97 31.17 12.75
N LEU B 80 -9.98 30.49 13.32
CA LEU B 80 -9.52 29.24 12.76
C LEU B 80 -10.68 28.26 12.66
N SER B 81 -11.49 28.16 13.71
CA SER B 81 -12.72 27.38 13.66
C SER B 81 -13.80 28.13 12.89
N ASP B 82 -13.47 28.60 11.69
CA ASP B 82 -14.44 29.22 10.80
C ASP B 82 -14.09 28.88 9.36
N TYR B 83 -12.81 28.94 9.04
CA TYR B 83 -12.29 28.64 7.71
C TYR B 83 -12.16 27.16 7.43
N ASN B 84 -12.86 26.30 8.18
CA ASN B 84 -12.66 24.84 8.12
C ASN B 84 -11.23 24.46 8.51
N ILE B 85 -10.53 25.33 9.24
CA ILE B 85 -9.22 24.97 9.79
C ILE B 85 -9.43 24.02 10.97
N LEU B 86 -8.50 23.10 11.15
CA LEU B 86 -8.61 22.07 12.17
C LEU B 86 -7.27 21.92 12.90
N LYS B 87 -7.24 20.96 13.82
CA LYS B 87 -6.10 20.75 14.70
C LYS B 87 -4.88 20.24 13.94
N GLU B 88 -3.70 20.51 14.50
CA GLU B 88 -2.43 20.00 13.99
C GLU B 88 -2.27 20.22 12.48
N SER B 89 -2.73 21.38 12.02
CA SER B 89 -2.73 21.71 10.60
C SER B 89 -1.48 22.53 10.25
N THR B 90 -1.33 22.81 8.96
CA THR B 90 -0.18 23.56 8.45
C THR B 90 -0.66 24.64 7.48
N LEU B 91 -0.75 25.87 7.97
CA LEU B 91 -0.98 27.01 7.09
C LEU B 91 0.29 27.34 6.34
N LEU B 92 0.14 28.21 5.33
CA LEU B 92 1.27 28.72 4.56
C LEU B 92 1.32 30.23 4.77
N LEU B 93 2.37 30.71 5.42
CA LEU B 93 2.56 32.13 5.64
C LEU B 93 3.45 32.71 4.54
N VAL B 94 2.89 33.63 3.76
CA VAL B 94 3.66 34.28 2.71
C VAL B 94 3.80 35.74 3.12
N ARG B 95 4.46 36.54 2.29
CA ARG B 95 4.75 37.92 2.60
C ARG B 95 3.73 38.81 1.91
N ARG B 96 2.97 39.56 2.71
CA ARG B 96 2.17 40.66 2.20
C ARG B 96 3.08 41.84 1.97
N LEU B 97 2.87 42.55 0.87
CA LEU B 97 3.98 43.31 0.32
C LEU B 97 3.46 44.73 0.03
N ARG B 98 3.61 45.60 1.04
CA ARG B 98 3.13 46.99 0.96
C ARG B 98 3.77 47.74 -0.20
#